data_5YGV
#
_entry.id   5YGV
#
_cell.length_a   38.203
_cell.length_b   38.203
_cell.length_c   263.349
_cell.angle_alpha   90.00
_cell.angle_beta   90.00
_cell.angle_gamma   90.00
#
_symmetry.space_group_name_H-M   'P 41'
#
loop_
_entity.id
_entity.type
_entity.pdbx_description
1 polymer 'Abscisic acid receptor PYR1'
2 non-polymer '(2Z,4E)-3-methyl-5-[(1S,4S)-2,6,6-trimethyl-4-[3-(4-methylphenyl)prop-2-ynoxy]-1-oxidanyl-cyclohex-2-en-1-yl]penta-2,4-dienoic acid'
3 water water
#
_entity_poly.entity_id   1
_entity_poly.type   'polypeptide(L)'
_entity_poly.pdbx_seq_one_letter_code
;MGSSHHHHHHSSGLVPRGSHMASMTGGQQMGRGSEFMPSELTPEERSELKNSIAEFHTYQLDPGSCSSLHAQRIHAPPEL
VWSIVRRFDKPQTYKHFIKSCSVEQNFEMRVGCTRDVIVISGLPANTSTERLDILDDERRVTGFSIIGGEHRLTNYKSVT
TVHRFEKENRIWTVVLESYVVDMPEGNSEDDTRMFADTVVKLNLQKLATVAEAMARNSGDGSGSQVT
;
_entity_poly.pdbx_strand_id   A,B
#
# COMPACT_ATOMS: atom_id res chain seq x y z
N GLU A 40 17.26 -6.98 5.67
CA GLU A 40 17.35 -7.86 6.88
C GLU A 40 18.74 -7.77 7.53
N LEU A 41 18.77 -7.92 8.86
CA LEU A 41 19.96 -7.66 9.65
C LEU A 41 21.01 -8.75 9.51
N THR A 42 22.29 -8.35 9.56
CA THR A 42 23.42 -9.29 9.57
C THR A 42 23.50 -9.98 10.94
N PRO A 43 24.28 -11.07 11.04
CA PRO A 43 24.49 -11.72 12.37
C PRO A 43 25.08 -10.80 13.44
N GLU A 44 25.95 -9.88 13.04
CA GLU A 44 26.61 -8.95 13.95
C GLU A 44 25.62 -7.93 14.53
N GLU A 45 24.75 -7.42 13.65
CA GLU A 45 23.69 -6.50 14.06
C GLU A 45 22.71 -7.16 15.03
N ARG A 46 22.18 -8.32 14.64
CA ARG A 46 21.29 -9.11 15.52
C ARG A 46 21.87 -9.39 16.92
N SER A 47 23.19 -9.63 16.97
CA SER A 47 23.89 -9.81 18.24
C SER A 47 23.94 -8.53 19.05
N GLU A 48 24.15 -7.41 18.36
CA GLU A 48 24.17 -6.09 18.98
C GLU A 48 22.78 -5.65 19.50
N LEU A 49 21.71 -6.12 18.86
CA LEU A 49 20.32 -5.73 19.23
C LEU A 49 19.63 -6.63 20.25
N LYS A 50 20.20 -7.80 20.57
CA LYS A 50 19.52 -8.82 21.41
C LYS A 50 18.93 -8.28 22.72
N ASN A 51 19.69 -7.45 23.42
CA ASN A 51 19.22 -6.82 24.67
C ASN A 51 18.05 -5.86 24.45
N SER A 52 18.17 -5.01 23.42
CA SER A 52 17.10 -4.08 23.05
C SER A 52 15.82 -4.85 22.72
N ILE A 53 15.98 -5.92 21.94
CA ILE A 53 14.86 -6.81 21.60
C ILE A 53 14.23 -7.41 22.86
N ALA A 54 15.05 -7.95 23.74
CA ALA A 54 14.59 -8.54 25.02
C ALA A 54 13.85 -7.54 25.91
N GLU A 55 14.27 -6.27 25.88
CA GLU A 55 13.71 -5.22 26.74
C GLU A 55 12.45 -4.54 26.18
N PHE A 56 12.40 -4.34 24.87
CA PHE A 56 11.34 -3.54 24.22
C PHE A 56 10.44 -4.28 23.23
N HIS A 57 10.93 -5.34 22.60
CA HIS A 57 10.22 -6.00 21.50
C HIS A 57 9.85 -7.47 21.77
N THR A 58 9.74 -7.83 23.06
CA THR A 58 9.40 -9.19 23.48
C THR A 58 8.17 -9.12 24.37
N TYR A 59 7.11 -9.83 23.96
CA TYR A 59 5.80 -9.75 24.61
C TYR A 59 5.42 -11.09 25.23
N GLN A 60 4.69 -11.02 26.35
CA GLN A 60 3.98 -12.18 26.90
C GLN A 60 2.56 -12.08 26.38
N LEU A 61 2.31 -12.75 25.25
CA LEU A 61 1.04 -12.60 24.51
C LEU A 61 -0.13 -13.22 25.26
N ASP A 62 -1.25 -12.50 25.27
CA ASP A 62 -2.53 -13.06 25.71
C ASP A 62 -3.18 -13.77 24.53
N PRO A 63 -4.08 -14.75 24.81
CA PRO A 63 -4.81 -15.44 23.73
C PRO A 63 -5.59 -14.49 22.82
N GLY A 64 -5.66 -14.83 21.54
CA GLY A 64 -6.29 -14.00 20.54
C GLY A 64 -5.52 -12.73 20.22
N SER A 65 -4.20 -12.76 20.43
CA SER A 65 -3.34 -11.66 19.98
C SER A 65 -2.01 -12.21 19.46
N CYS A 66 -1.49 -11.59 18.40
CA CYS A 66 -0.22 -11.98 17.80
C CYS A 66 0.70 -10.77 17.71
N SER A 67 1.99 -11.04 17.54
CA SER A 67 3.00 -10.00 17.44
C SER A 67 3.99 -10.27 16.32
N SER A 68 4.69 -9.21 15.91
CA SER A 68 5.73 -9.30 14.91
C SER A 68 6.77 -8.21 15.12
N LEU A 69 8.01 -8.51 14.73
CA LEU A 69 9.15 -7.61 14.86
C LEU A 69 9.76 -7.39 13.49
N HIS A 70 9.95 -6.13 13.11
CA HIS A 70 10.59 -5.80 11.83
C HIS A 70 11.78 -4.87 12.06
N ALA A 71 12.74 -4.93 11.13
CA ALA A 71 13.98 -4.16 11.22
C ALA A 71 14.22 -3.40 9.92
N GLN A 72 14.94 -2.29 10.02
CA GLN A 72 15.29 -1.50 8.83
C GLN A 72 16.61 -0.79 9.01
N ARG A 73 17.53 -1.02 8.08
CA ARG A 73 18.82 -0.32 8.06
C ARG A 73 18.69 1.00 7.32
N ILE A 74 19.26 2.05 7.89
CA ILE A 74 19.13 3.41 7.35
C ILE A 74 20.51 4.06 7.29
N HIS A 75 20.88 4.55 6.11
CA HIS A 75 22.19 5.21 5.91
C HIS A 75 22.08 6.67 6.28
N ALA A 76 22.01 6.91 7.58
CA ALA A 76 21.82 8.23 8.17
C ALA A 76 22.15 8.17 9.65
N PRO A 77 22.48 9.32 10.28
CA PRO A 77 22.74 9.30 11.72
C PRO A 77 21.48 9.04 12.56
N PRO A 78 21.61 8.38 13.72
CA PRO A 78 20.46 8.09 14.60
C PRO A 78 19.68 9.33 15.07
N GLU A 79 20.40 10.43 15.30
CA GLU A 79 19.80 11.68 15.80
C GLU A 79 18.73 12.17 14.83
N LEU A 80 19.06 12.11 13.54
CA LEU A 80 18.17 12.47 12.47
C LEU A 80 16.95 11.54 12.39
N VAL A 81 17.21 10.23 12.47
CA VAL A 81 16.15 9.23 12.41
C VAL A 81 15.21 9.38 13.61
N TRP A 82 15.79 9.54 14.79
CA TRP A 82 15.05 9.74 16.03
C TRP A 82 14.16 10.97 15.97
N SER A 83 14.70 12.08 15.44
CA SER A 83 13.93 13.34 15.32
C SER A 83 12.70 13.24 14.42
N ILE A 84 12.73 12.31 13.46
CA ILE A 84 11.56 11.94 12.65
C ILE A 84 10.64 11.03 13.47
N VAL A 85 11.18 9.87 13.87
CA VAL A 85 10.45 8.85 14.62
C VAL A 85 9.70 9.41 15.84
N ARG A 86 10.35 10.32 16.56
CA ARG A 86 9.79 10.89 17.80
C ARG A 86 8.60 11.83 17.60
N ARG A 87 8.45 12.41 16.41
CA ARG A 87 7.42 13.42 16.17
C ARG A 87 6.04 12.82 16.02
N PHE A 88 5.42 12.57 17.17
CA PHE A 88 4.07 12.04 17.26
C PHE A 88 3.03 12.85 16.48
N ASP A 89 3.19 14.17 16.48
CA ASP A 89 2.25 15.07 15.78
C ASP A 89 2.34 15.06 14.25
N LYS A 90 3.44 14.56 13.69
CA LYS A 90 3.64 14.55 12.24
C LYS A 90 4.10 13.20 11.69
N PRO A 91 3.29 12.14 11.87
CA PRO A 91 3.64 10.82 11.33
C PRO A 91 3.61 10.76 9.79
N GLN A 92 2.84 11.64 9.15
CA GLN A 92 2.78 11.73 7.68
C GLN A 92 4.12 12.01 6.98
N THR A 93 5.11 12.53 7.73
CA THR A 93 6.44 12.77 7.20
C THR A 93 7.13 11.49 6.71
N TYR A 94 6.76 10.33 7.29
CA TYR A 94 7.31 9.05 6.84
C TYR A 94 6.33 7.88 6.72
N LYS A 95 5.08 8.01 7.17
CA LYS A 95 4.16 6.88 7.05
C LYS A 95 3.50 6.89 5.66
N HIS A 96 3.46 5.71 5.06
CA HIS A 96 3.13 5.52 3.64
C HIS A 96 1.72 5.95 3.25
N PHE A 97 0.75 5.68 4.13
CA PHE A 97 -0.67 5.84 3.83
C PHE A 97 -1.36 7.04 4.50
N ILE A 98 -0.67 7.79 5.36
CA ILE A 98 -1.31 8.90 6.06
C ILE A 98 -1.55 10.08 5.13
N LYS A 99 -2.82 10.47 5.01
CA LYS A 99 -3.23 11.67 4.29
C LYS A 99 -2.85 12.90 5.13
N SER A 100 -3.35 12.94 6.37
CA SER A 100 -3.06 14.02 7.30
C SER A 100 -3.19 13.56 8.75
N CYS A 101 -2.72 14.42 9.66
CA CYS A 101 -2.76 14.15 11.09
C CYS A 101 -3.11 15.43 11.82
N SER A 102 -4.28 15.44 12.45
CA SER A 102 -4.68 16.56 13.28
C SER A 102 -4.32 16.25 14.73
N VAL A 103 -3.92 17.29 15.44
CA VAL A 103 -3.55 17.19 16.84
C VAL A 103 -4.08 18.46 17.54
N GLU A 104 -3.95 18.52 18.86
CA GLU A 104 -4.39 19.68 19.65
C GLU A 104 -3.77 20.99 19.17
N GLN A 105 -4.46 22.11 19.39
CA GLN A 105 -3.86 23.43 19.21
C GLN A 105 -2.93 23.68 20.40
N ASN A 106 -1.83 24.41 20.17
CA ASN A 106 -0.74 24.55 21.15
C ASN A 106 -0.26 23.17 21.63
N PHE A 107 0.02 22.29 20.68
CA PHE A 107 0.45 20.93 20.98
C PHE A 107 1.89 20.92 21.49
N GLU A 108 2.08 20.33 22.67
CA GLU A 108 3.41 20.00 23.19
C GLU A 108 3.37 18.53 23.62
N MET A 109 4.35 17.78 23.13
CA MET A 109 4.27 16.32 23.07
C MET A 109 4.56 15.62 24.40
N ARG A 110 3.56 14.90 24.91
CA ARG A 110 3.69 14.14 26.16
C ARG A 110 3.00 12.80 26.08
N VAL A 111 3.49 11.83 26.85
CA VAL A 111 2.85 10.52 26.97
C VAL A 111 1.40 10.72 27.47
N GLY A 112 0.46 10.03 26.83
CA GLY A 112 -0.98 10.21 27.09
C GLY A 112 -1.69 11.09 26.08
N CYS A 113 -0.95 11.93 25.35
CA CYS A 113 -1.53 12.79 24.32
C CYS A 113 -2.01 11.94 23.14
N THR A 114 -2.96 12.48 22.39
CA THR A 114 -3.57 11.76 21.27
C THR A 114 -3.40 12.50 19.94
N ARG A 115 -3.59 11.74 18.85
CA ARG A 115 -3.59 12.27 17.50
C ARG A 115 -4.71 11.61 16.71
N ASP A 116 -5.24 12.35 15.73
CA ASP A 116 -6.27 11.85 14.82
C ASP A 116 -5.70 11.77 13.42
N VAL A 117 -5.49 10.54 12.96
CA VAL A 117 -4.91 10.26 11.65
C VAL A 117 -6.03 10.05 10.65
N ILE A 118 -6.02 10.81 9.56
CA ILE A 118 -6.84 10.53 8.39
C ILE A 118 -5.94 9.82 7.36
N VAL A 119 -6.41 8.67 6.87
CA VAL A 119 -5.65 7.85 5.94
C VAL A 119 -6.14 8.08 4.51
N ILE A 120 -5.27 7.83 3.52
CA ILE A 120 -5.63 7.98 2.10
C ILE A 120 -6.67 6.96 1.65
N SER A 121 -7.37 7.28 0.56
CA SER A 121 -8.48 6.46 0.08
C SER A 121 -8.01 5.14 -0.50
N GLY A 122 -8.84 4.11 -0.32
CA GLY A 122 -8.56 2.76 -0.84
C GLY A 122 -8.21 1.70 0.18
N LEU A 123 -8.28 2.05 1.47
CA LEU A 123 -7.93 1.15 2.56
C LEU A 123 -9.18 0.75 3.35
N PRO A 124 -9.11 -0.34 4.14
CA PRO A 124 -10.30 -0.78 4.90
C PRO A 124 -10.67 0.04 6.14
N ALA A 125 -9.95 1.13 6.42
CA ALA A 125 -10.39 2.14 7.35
C ALA A 125 -10.08 3.51 6.77
N ASN A 126 -10.76 4.54 7.27
CA ASN A 126 -10.52 5.93 6.86
C ASN A 126 -9.79 6.76 7.91
N THR A 127 -9.92 6.37 9.18
CA THR A 127 -9.45 7.18 10.31
C THR A 127 -8.89 6.30 11.42
N SER A 128 -7.98 6.86 12.22
CA SER A 128 -7.42 6.22 13.41
C SER A 128 -7.11 7.24 14.52
N THR A 129 -7.69 7.03 15.70
CA THR A 129 -7.32 7.81 16.89
C THR A 129 -6.27 7.02 17.68
N GLU A 130 -5.13 7.67 17.96
CA GLU A 130 -3.95 7.01 18.48
C GLU A 130 -3.35 7.78 19.66
N ARG A 131 -2.82 7.04 20.64
CA ARG A 131 -2.31 7.62 21.91
C ARG A 131 -0.83 7.33 22.06
N LEU A 132 -0.06 8.36 22.44
CA LEU A 132 1.37 8.22 22.71
C LEU A 132 1.63 7.48 24.03
N ASP A 133 2.19 6.28 23.94
CA ASP A 133 2.46 5.44 25.11
C ASP A 133 3.81 5.71 25.74
N ILE A 134 4.82 5.90 24.90
CA ILE A 134 6.20 6.06 25.33
C ILE A 134 6.87 7.16 24.52
N LEU A 135 7.70 7.96 25.18
CA LEU A 135 8.63 8.86 24.52
C LEU A 135 9.85 9.02 25.40
N ASP A 136 10.91 8.27 25.07
CA ASP A 136 12.18 8.32 25.78
C ASP A 136 13.25 8.93 24.86
N ASP A 137 13.58 10.20 25.08
CA ASP A 137 14.61 10.90 24.29
C ASP A 137 16.03 10.47 24.61
N GLU A 138 16.25 9.98 25.82
CA GLU A 138 17.58 9.50 26.24
C GLU A 138 17.94 8.19 25.52
N ARG A 139 16.99 7.27 25.50
CA ARG A 139 17.21 5.93 24.95
C ARG A 139 16.65 5.73 23.53
N ARG A 140 15.92 6.72 23.01
CA ARG A 140 15.32 6.67 21.66
C ARG A 140 14.32 5.54 21.50
N VAL A 141 13.25 5.64 22.30
CA VAL A 141 12.19 4.66 22.34
C VAL A 141 10.88 5.42 22.25
N THR A 142 10.00 4.97 21.37
CA THR A 142 8.64 5.51 21.32
C THR A 142 7.66 4.39 21.00
N GLY A 143 6.38 4.70 21.15
CA GLY A 143 5.33 3.73 20.94
C GLY A 143 3.96 4.34 21.09
N PHE A 144 3.00 3.77 20.37
CA PHE A 144 1.62 4.25 20.45
C PHE A 144 0.63 3.09 20.43
N SER A 145 -0.61 3.43 20.76
CA SER A 145 -1.74 2.48 20.75
C SER A 145 -2.89 3.09 19.98
N ILE A 146 -3.59 2.26 19.19
CA ILE A 146 -4.84 2.66 18.54
C ILE A 146 -5.99 2.56 19.54
N ILE A 147 -6.84 3.58 19.58
CA ILE A 147 -7.95 3.67 20.53
C ILE A 147 -9.23 4.07 19.82
N HIS A 151 -11.85 -0.73 13.91
CA HIS A 151 -11.74 -1.48 12.65
C HIS A 151 -11.09 -2.87 12.89
N ARG A 152 -10.50 -3.47 11.85
CA ARG A 152 -9.97 -4.83 11.94
C ARG A 152 -8.78 -4.99 12.92
N LEU A 153 -7.83 -4.06 12.88
CA LEU A 153 -6.64 -4.10 13.74
C LEU A 153 -6.99 -3.48 15.09
N THR A 154 -7.66 -4.27 15.92
CA THR A 154 -8.16 -3.81 17.22
C THR A 154 -7.12 -4.07 18.33
N ASN A 155 -6.95 -3.06 19.19
CA ASN A 155 -5.87 -3.01 20.20
C ASN A 155 -4.48 -3.20 19.58
N TYR A 156 -4.24 -2.51 18.45
CA TYR A 156 -2.91 -2.44 17.86
C TYR A 156 -2.06 -1.55 18.74
N LYS A 157 -0.92 -2.07 19.18
CA LYS A 157 0.04 -1.31 19.95
C LYS A 157 1.43 -1.68 19.43
N SER A 158 2.23 -0.65 19.13
CA SER A 158 3.58 -0.83 18.62
C SER A 158 4.60 -0.05 19.43
N VAL A 159 5.85 -0.51 19.35
CA VAL A 159 6.99 0.18 19.93
C VAL A 159 8.08 0.29 18.86
N THR A 160 8.75 1.44 18.81
CA THR A 160 9.82 1.72 17.85
C THR A 160 11.10 2.18 18.56
N THR A 161 12.24 1.59 18.19
CA THR A 161 13.55 1.93 18.77
C THR A 161 14.59 2.23 17.70
N VAL A 162 15.49 3.18 18.01
CA VAL A 162 16.56 3.64 17.11
C VAL A 162 17.93 3.28 17.70
N HIS A 163 18.81 2.72 16.86
CA HIS A 163 20.10 2.17 17.31
C HIS A 163 21.25 2.62 16.42
N ARG A 164 22.34 3.05 17.05
CA ARG A 164 23.53 3.54 16.36
C ARG A 164 24.49 2.40 16.01
N PHE A 165 25.10 2.49 14.83
CA PHE A 165 26.15 1.56 14.43
C PHE A 165 27.28 2.31 13.76
N GLU A 166 28.52 1.90 14.05
CA GLU A 166 29.71 2.50 13.43
C GLU A 166 30.81 1.45 13.27
N LYS A 167 31.34 1.37 12.04
CA LYS A 167 32.50 0.52 11.71
C LYS A 167 33.27 1.19 10.58
N GLU A 168 34.58 1.37 10.78
CA GLU A 168 35.48 1.98 9.79
C GLU A 168 35.02 3.38 9.36
N ASN A 169 34.75 4.23 10.35
CA ASN A 169 34.27 5.61 10.15
C ASN A 169 32.92 5.77 9.40
N ARG A 170 32.22 4.65 9.14
CA ARG A 170 30.95 4.67 8.44
C ARG A 170 29.85 4.51 9.48
N ILE A 171 29.01 5.53 9.62
CA ILE A 171 27.96 5.55 10.62
C ILE A 171 26.60 5.31 9.96
N TRP A 172 25.80 4.42 10.56
CA TRP A 172 24.44 4.16 10.10
C TRP A 172 23.51 3.80 11.26
N THR A 173 22.21 3.73 10.95
CA THR A 173 21.18 3.49 11.93
C THR A 173 20.41 2.22 11.62
N VAL A 174 19.93 1.55 12.66
CA VAL A 174 18.94 0.49 12.53
C VAL A 174 17.73 0.87 13.37
N VAL A 175 16.56 0.78 12.75
CA VAL A 175 15.29 0.97 13.45
C VAL A 175 14.64 -0.40 13.61
N LEU A 176 14.23 -0.73 14.83
CA LEU A 176 13.39 -1.89 15.12
C LEU A 176 11.99 -1.40 15.42
N GLU A 177 10.99 -2.07 14.85
CA GLU A 177 9.60 -1.85 15.23
C GLU A 177 8.88 -3.18 15.42
N SER A 178 8.18 -3.28 16.54
CA SER A 178 7.36 -4.44 16.85
C SER A 178 5.95 -3.98 17.17
N TYR A 179 4.99 -4.89 17.03
CA TYR A 179 3.59 -4.61 17.38
C TYR A 179 2.87 -5.82 17.96
N VAL A 180 1.82 -5.54 18.73
CA VAL A 180 0.85 -6.54 19.20
C VAL A 180 -0.49 -6.18 18.62
N VAL A 181 -1.22 -7.18 18.14
CA VAL A 181 -2.54 -6.97 17.50
C VAL A 181 -3.47 -8.14 17.84
N ASP A 182 -4.77 -7.85 17.94
CA ASP A 182 -5.78 -8.90 18.10
C ASP A 182 -6.05 -9.62 16.77
N MET A 183 -6.00 -10.96 16.81
CA MET A 183 -6.31 -11.81 15.64
C MET A 183 -7.80 -11.73 15.26
N PRO A 184 -8.17 -12.14 14.02
CA PRO A 184 -9.54 -11.85 13.52
C PRO A 184 -10.68 -12.57 14.27
N ASP A 191 -4.88 -14.58 8.96
CA ASP A 191 -3.56 -13.99 9.10
C ASP A 191 -3.61 -12.47 8.93
N THR A 192 -4.16 -11.82 9.94
CA THR A 192 -4.17 -10.35 10.05
C THR A 192 -2.76 -9.75 10.01
N ARG A 193 -1.79 -10.49 10.55
CA ARG A 193 -0.38 -10.09 10.61
C ARG A 193 0.20 -9.66 9.26
N MET A 194 -0.16 -10.37 8.19
CA MET A 194 0.33 -10.03 6.84
C MET A 194 0.06 -8.57 6.48
N PHE A 195 -1.11 -8.08 6.89
CA PHE A 195 -1.54 -6.71 6.58
C PHE A 195 -0.79 -5.66 7.38
N ALA A 196 -0.64 -5.89 8.68
CA ALA A 196 0.15 -5.00 9.53
C ALA A 196 1.63 -4.99 9.13
N ASP A 197 2.19 -6.19 8.90
CA ASP A 197 3.56 -6.34 8.39
C ASP A 197 3.85 -5.45 7.18
N THR A 198 2.93 -5.49 6.21
CA THR A 198 3.07 -4.69 4.99
C THR A 198 3.08 -3.19 5.27
N VAL A 199 2.19 -2.71 6.14
CA VAL A 199 2.16 -1.29 6.50
C VAL A 199 3.46 -0.91 7.18
N VAL A 200 3.81 -1.68 8.20
CA VAL A 200 5.03 -1.46 8.99
C VAL A 200 6.25 -1.42 8.07
N LYS A 201 6.46 -2.48 7.29
CA LYS A 201 7.60 -2.54 6.37
C LYS A 201 7.66 -1.34 5.43
N LEU A 202 6.51 -0.99 4.85
CA LEU A 202 6.41 0.16 3.93
C LEU A 202 6.75 1.47 4.62
N ASN A 203 6.17 1.68 5.80
CA ASN A 203 6.49 2.83 6.64
C ASN A 203 7.98 2.93 6.94
N LEU A 204 8.60 1.80 7.25
CA LEU A 204 10.04 1.77 7.55
C LEU A 204 10.92 2.03 6.33
N GLN A 205 10.51 1.53 5.16
CA GLN A 205 11.18 1.85 3.90
C GLN A 205 11.16 3.35 3.59
N LYS A 206 10.00 3.99 3.78
CA LYS A 206 9.88 5.42 3.55
C LYS A 206 10.64 6.24 4.61
N LEU A 207 10.71 5.72 5.84
CA LEU A 207 11.52 6.32 6.90
C LEU A 207 12.98 6.42 6.43
N ALA A 208 13.51 5.30 5.95
CA ALA A 208 14.87 5.23 5.39
C ALA A 208 15.09 6.26 4.29
N THR A 209 14.25 6.22 3.26
CA THR A 209 14.29 7.14 2.13
C THR A 209 14.30 8.63 2.54
N VAL A 210 13.39 9.00 3.43
CA VAL A 210 13.28 10.39 3.90
C VAL A 210 14.50 10.77 4.74
N ALA A 211 14.91 9.87 5.65
CA ALA A 211 16.11 10.07 6.46
C ALA A 211 17.38 10.16 5.61
N GLU A 212 17.51 9.24 4.65
CA GLU A 212 18.66 9.24 3.75
C GLU A 212 18.73 10.51 2.91
N ALA A 213 17.57 11.05 2.53
CA ALA A 213 17.50 12.33 1.81
C ALA A 213 17.89 13.52 2.69
N MET A 214 17.38 13.56 3.92
CA MET A 214 17.73 14.62 4.86
C MET A 214 19.22 14.61 5.24
N ALA A 215 19.81 13.42 5.29
CA ALA A 215 21.24 13.25 5.60
C ALA A 215 22.17 13.79 4.50
N ARG A 216 21.80 13.55 3.24
CA ARG A 216 22.58 13.93 2.03
C ARG A 216 23.82 14.80 2.26
N SER B 39 -17.01 8.53 -4.42
CA SER B 39 -16.33 7.35 -3.79
C SER B 39 -16.85 6.01 -4.35
N GLU B 40 -18.18 5.83 -4.32
CA GLU B 40 -18.85 4.72 -4.99
C GLU B 40 -19.96 5.31 -5.86
N LEU B 41 -20.27 4.60 -6.96
CA LEU B 41 -21.17 5.09 -8.01
C LEU B 41 -22.59 5.42 -7.54
N THR B 42 -23.29 6.22 -8.34
CA THR B 42 -24.69 6.56 -8.11
C THR B 42 -25.57 5.50 -8.77
N PRO B 43 -26.84 5.39 -8.35
CA PRO B 43 -27.75 4.44 -9.03
C PRO B 43 -28.00 4.76 -10.52
N GLU B 44 -27.82 6.02 -10.91
CA GLU B 44 -27.98 6.45 -12.31
C GLU B 44 -26.84 5.88 -13.17
N GLU B 45 -25.61 6.07 -12.69
CA GLU B 45 -24.43 5.47 -13.30
C GLU B 45 -24.54 3.94 -13.34
N ARG B 46 -24.83 3.36 -12.18
CA ARG B 46 -25.11 1.92 -12.06
C ARG B 46 -26.02 1.37 -13.16
N SER B 47 -27.15 2.04 -13.40
CA SER B 47 -28.11 1.63 -14.44
C SER B 47 -27.52 1.70 -15.85
N GLU B 48 -26.71 2.73 -16.09
CA GLU B 48 -26.01 2.90 -17.35
C GLU B 48 -24.92 1.83 -17.59
N LEU B 49 -24.39 1.25 -16.51
CA LEU B 49 -23.28 0.28 -16.58
C LEU B 49 -23.66 -1.22 -16.60
N LYS B 50 -24.94 -1.56 -16.39
CA LYS B 50 -25.34 -2.97 -16.20
C LYS B 50 -24.98 -3.91 -17.36
N ASN B 51 -25.16 -3.43 -18.59
CA ASN B 51 -24.78 -4.19 -19.78
C ASN B 51 -23.27 -4.45 -19.85
N SER B 52 -22.46 -3.45 -19.47
CA SER B 52 -21.01 -3.61 -19.40
C SER B 52 -20.63 -4.61 -18.33
N ILE B 53 -21.24 -4.47 -17.15
CA ILE B 53 -20.98 -5.38 -16.03
C ILE B 53 -21.35 -6.83 -16.37
N ALA B 54 -22.50 -7.02 -17.01
CA ALA B 54 -22.93 -8.35 -17.49
C ALA B 54 -21.98 -8.94 -18.55
N GLU B 55 -21.46 -8.09 -19.44
CA GLU B 55 -20.63 -8.55 -20.55
C GLU B 55 -19.17 -8.82 -20.18
N PHE B 56 -18.63 -7.99 -19.28
CA PHE B 56 -17.18 -8.02 -18.96
C PHE B 56 -16.80 -8.37 -17.52
N HIS B 57 -17.66 -8.09 -16.55
CA HIS B 57 -17.29 -8.17 -15.12
C HIS B 57 -18.13 -9.19 -14.31
N THR B 58 -18.65 -10.22 -14.99
CA THR B 58 -19.47 -11.26 -14.36
C THR B 58 -18.87 -12.62 -14.68
N TYR B 59 -18.64 -13.42 -13.64
CA TYR B 59 -17.94 -14.70 -13.79
C TYR B 59 -18.80 -15.86 -13.30
N GLN B 60 -18.65 -17.01 -13.96
CA GLN B 60 -19.16 -18.30 -13.48
C GLN B 60 -18.00 -18.93 -12.73
N LEU B 61 -17.96 -18.72 -11.41
CA LEU B 61 -16.80 -19.06 -10.58
C LEU B 61 -16.65 -20.57 -10.34
N ASP B 62 -15.40 -21.01 -10.25
CA ASP B 62 -15.07 -22.38 -9.86
C ASP B 62 -14.86 -22.43 -8.35
N PRO B 63 -14.90 -23.65 -7.75
CA PRO B 63 -14.50 -23.84 -6.35
C PRO B 63 -13.09 -23.32 -6.06
N GLY B 64 -12.91 -22.73 -4.89
CA GLY B 64 -11.63 -22.15 -4.50
C GLY B 64 -11.20 -20.95 -5.34
N SER B 65 -12.18 -20.20 -5.87
CA SER B 65 -11.91 -18.92 -6.53
C SER B 65 -12.97 -17.88 -6.13
N CYS B 66 -12.52 -16.64 -5.96
CA CYS B 66 -13.39 -15.52 -5.59
C CYS B 66 -13.18 -14.36 -6.54
N SER B 67 -14.21 -13.54 -6.73
CA SER B 67 -14.12 -12.35 -7.56
C SER B 67 -14.61 -11.09 -6.85
N SER B 68 -14.22 -9.94 -7.40
CA SER B 68 -14.67 -8.65 -6.88
C SER B 68 -14.67 -7.59 -7.98
N LEU B 69 -15.58 -6.63 -7.84
CA LEU B 69 -15.78 -5.57 -8.81
C LEU B 69 -15.59 -4.21 -8.12
N HIS B 70 -14.78 -3.35 -8.72
CA HIS B 70 -14.58 -1.99 -8.21
C HIS B 70 -14.78 -0.94 -9.28
N ALA B 71 -15.24 0.23 -8.85
CA ALA B 71 -15.54 1.36 -9.74
C ALA B 71 -14.72 2.57 -9.33
N GLN B 72 -14.59 3.53 -10.23
CA GLN B 72 -13.86 4.76 -9.94
C GLN B 72 -14.28 5.89 -10.88
N ARG B 73 -14.78 6.99 -10.29
CA ARG B 73 -15.15 8.17 -11.06
C ARG B 73 -13.93 9.04 -11.27
N ILE B 74 -13.69 9.43 -12.53
CA ILE B 74 -12.52 10.23 -12.90
C ILE B 74 -12.98 11.44 -13.72
N HIS B 75 -12.67 12.63 -13.22
CA HIS B 75 -13.07 13.87 -13.90
C HIS B 75 -12.06 14.24 -14.99
N ALA B 76 -12.18 13.50 -16.08
CA ALA B 76 -11.31 13.63 -17.25
C ALA B 76 -11.96 12.90 -18.42
N PRO B 77 -11.54 13.21 -19.67
CA PRO B 77 -12.13 12.50 -20.81
C PRO B 77 -11.72 11.02 -20.90
N PRO B 78 -12.60 10.15 -21.43
CA PRO B 78 -12.29 8.71 -21.52
C PRO B 78 -11.11 8.35 -22.44
N GLU B 79 -10.83 9.19 -23.42
CA GLU B 79 -9.73 8.97 -24.38
C GLU B 79 -8.40 9.00 -23.64
N LEU B 80 -8.28 9.97 -22.74
CA LEU B 80 -7.09 10.15 -21.92
C LEU B 80 -6.91 9.02 -20.91
N VAL B 81 -8.01 8.59 -20.30
CA VAL B 81 -7.98 7.51 -19.30
C VAL B 81 -7.67 6.19 -20.01
N TRP B 82 -8.29 5.96 -21.15
CA TRP B 82 -8.04 4.78 -21.97
C TRP B 82 -6.57 4.68 -22.40
N SER B 83 -5.98 5.79 -22.83
CA SER B 83 -4.57 5.81 -23.26
C SER B 83 -3.58 5.49 -22.13
N ILE B 84 -3.98 5.71 -20.87
CA ILE B 84 -3.22 5.26 -19.70
C ILE B 84 -3.47 3.76 -19.49
N VAL B 85 -4.73 3.41 -19.24
CA VAL B 85 -5.16 2.03 -18.98
C VAL B 85 -4.65 1.04 -20.04
N ARG B 86 -4.65 1.46 -21.31
CA ARG B 86 -4.28 0.56 -22.42
C ARG B 86 -2.79 0.21 -22.52
N ARG B 87 -1.92 1.00 -21.89
CA ARG B 87 -0.47 0.81 -22.06
C ARG B 87 0.07 -0.28 -21.16
N PHE B 88 -0.05 -1.52 -21.65
CA PHE B 88 0.44 -2.72 -20.98
C PHE B 88 1.92 -2.63 -20.59
N ASP B 89 2.73 -1.99 -21.43
CA ASP B 89 4.17 -1.84 -21.18
C ASP B 89 4.56 -0.83 -20.09
N LYS B 90 3.63 0.03 -19.65
CA LYS B 90 3.95 1.05 -18.66
C LYS B 90 2.91 1.19 -17.55
N PRO B 91 2.58 0.09 -16.85
CA PRO B 91 1.58 0.17 -15.77
C PRO B 91 2.01 1.07 -14.61
N GLN B 92 3.32 1.20 -14.39
CA GLN B 92 3.88 2.11 -13.37
C GLN B 92 3.41 3.57 -13.44
N THR B 93 2.89 3.99 -14.60
CA THR B 93 2.26 5.30 -14.72
C THR B 93 1.14 5.52 -13.69
N TYR B 94 0.37 4.48 -13.38
CA TYR B 94 -0.74 4.61 -12.42
C TYR B 94 -0.87 3.53 -11.35
N LYS B 95 -0.04 2.49 -11.36
CA LYS B 95 -0.15 1.46 -10.34
C LYS B 95 0.71 1.83 -9.13
N HIS B 96 0.08 1.74 -7.95
CA HIS B 96 0.61 2.30 -6.70
C HIS B 96 1.94 1.71 -6.25
N PHE B 97 2.10 0.40 -6.44
CA PHE B 97 3.22 -0.37 -5.90
C PHE B 97 4.28 -0.80 -6.92
N ILE B 98 4.15 -0.42 -8.18
CA ILE B 98 5.12 -0.84 -9.21
C ILE B 98 6.27 0.14 -9.28
N LYS B 99 7.49 -0.35 -9.01
CA LYS B 99 8.69 0.47 -9.21
C LYS B 99 9.05 0.52 -10.71
N SER B 100 9.13 -0.65 -11.35
CA SER B 100 9.52 -0.74 -12.76
C SER B 100 8.88 -1.91 -13.48
N CYS B 101 8.90 -1.83 -14.81
CA CYS B 101 8.28 -2.82 -15.67
C CYS B 101 9.13 -2.99 -16.90
N SER B 102 9.60 -4.22 -17.13
CA SER B 102 10.37 -4.52 -18.32
C SER B 102 9.50 -5.33 -19.28
N VAL B 103 9.54 -4.93 -20.55
CA VAL B 103 8.95 -5.69 -21.64
C VAL B 103 10.05 -5.93 -22.68
N GLU B 104 9.73 -6.73 -23.68
CA GLU B 104 10.70 -7.10 -24.71
C GLU B 104 11.28 -5.90 -25.46
N GLN B 105 12.48 -6.06 -25.99
CA GLN B 105 13.08 -5.07 -26.90
C GLN B 105 12.24 -5.02 -28.18
N ASN B 106 11.97 -3.79 -28.67
CA ASN B 106 11.06 -3.55 -29.80
C ASN B 106 9.63 -4.01 -29.49
N PHE B 107 9.09 -3.52 -28.37
CA PHE B 107 7.76 -3.90 -27.92
C PHE B 107 6.66 -3.26 -28.78
N GLU B 108 5.82 -4.11 -29.37
CA GLU B 108 4.51 -3.70 -29.85
C GLU B 108 3.44 -4.54 -29.15
N MET B 109 2.37 -3.87 -28.74
CA MET B 109 1.38 -4.43 -27.86
C MET B 109 0.41 -5.35 -28.60
N ARG B 110 0.43 -6.63 -28.24
CA ARG B 110 -0.43 -7.65 -28.85
C ARG B 110 -0.93 -8.58 -27.74
N VAL B 111 -2.16 -9.04 -27.86
CA VAL B 111 -2.70 -10.07 -26.93
C VAL B 111 -1.76 -11.29 -26.97
N GLY B 112 -1.35 -11.76 -25.79
CA GLY B 112 -0.39 -12.85 -25.68
C GLY B 112 0.98 -12.39 -25.19
N CYS B 113 1.31 -11.12 -25.39
CA CYS B 113 2.59 -10.55 -24.96
C CYS B 113 2.64 -10.47 -23.44
N THR B 114 3.85 -10.49 -22.89
CA THR B 114 4.06 -10.49 -21.45
C THR B 114 4.84 -9.28 -20.96
N ARG B 115 4.72 -9.01 -19.67
CA ARG B 115 5.50 -8.01 -18.97
C ARG B 115 6.04 -8.59 -17.67
N ASP B 116 7.22 -8.13 -17.28
CA ASP B 116 7.81 -8.45 -15.99
C ASP B 116 7.82 -7.18 -15.16
N VAL B 117 7.03 -7.17 -14.10
CA VAL B 117 6.98 -6.01 -13.20
C VAL B 117 7.79 -6.29 -11.95
N ILE B 118 8.50 -5.27 -11.48
CA ILE B 118 9.19 -5.29 -10.21
C ILE B 118 8.43 -4.36 -9.27
N VAL B 119 8.08 -4.85 -8.08
CA VAL B 119 7.32 -4.05 -7.11
C VAL B 119 8.25 -3.46 -6.06
N ILE B 120 7.75 -2.43 -5.39
CA ILE B 120 8.50 -1.73 -4.34
C ILE B 120 8.66 -2.63 -3.11
N SER B 121 9.68 -2.35 -2.31
CA SER B 121 9.99 -3.17 -1.13
C SER B 121 8.94 -3.03 -0.04
N GLY B 122 8.70 -4.12 0.68
CA GLY B 122 7.73 -4.14 1.78
C GLY B 122 6.49 -4.99 1.53
N LEU B 123 6.29 -5.45 0.30
CA LEU B 123 5.15 -6.28 -0.06
C LEU B 123 5.45 -7.78 0.03
N PRO B 124 4.41 -8.63 0.03
CA PRO B 124 4.62 -10.09 0.06
C PRO B 124 5.06 -10.74 -1.26
N ALA B 125 5.47 -9.94 -2.25
CA ALA B 125 6.21 -10.43 -3.41
C ALA B 125 7.13 -9.33 -3.91
N ASN B 126 8.12 -9.71 -4.70
CA ASN B 126 9.06 -8.76 -5.31
C ASN B 126 8.82 -8.53 -6.81
N THR B 127 8.32 -9.54 -7.52
CA THR B 127 8.07 -9.44 -8.96
C THR B 127 6.81 -10.18 -9.38
N SER B 128 6.35 -9.90 -10.60
CA SER B 128 5.22 -10.59 -11.22
C SER B 128 5.37 -10.64 -12.74
N THR B 129 5.17 -11.82 -13.30
CA THR B 129 5.13 -12.00 -14.75
C THR B 129 3.66 -12.04 -15.18
N GLU B 130 3.32 -11.21 -16.16
CA GLU B 130 1.92 -10.92 -16.50
C GLU B 130 1.68 -10.96 -18.01
N ARG B 131 0.53 -11.51 -18.41
CA ARG B 131 0.18 -11.72 -19.83
C ARG B 131 -1.01 -10.86 -20.23
N LEU B 132 -0.92 -10.18 -21.37
CA LEU B 132 -2.03 -9.37 -21.89
C LEU B 132 -3.11 -10.26 -22.51
N ASP B 133 -4.29 -10.27 -21.90
CA ASP B 133 -5.41 -11.12 -22.32
C ASP B 133 -6.29 -10.47 -23.38
N ILE B 134 -6.60 -9.20 -23.16
CA ILE B 134 -7.54 -8.47 -24.00
C ILE B 134 -6.95 -7.08 -24.28
N LEU B 135 -7.17 -6.60 -25.49
CA LEU B 135 -6.96 -5.20 -25.83
C LEU B 135 -7.88 -4.80 -26.97
N ASP B 136 -8.99 -4.17 -26.63
CA ASP B 136 -9.98 -3.71 -27.58
C ASP B 136 -10.03 -2.18 -27.52
N ASP B 137 -9.38 -1.53 -28.50
CA ASP B 137 -9.37 -0.08 -28.60
C ASP B 137 -10.74 0.52 -28.98
N GLU B 138 -11.50 -0.20 -29.80
CA GLU B 138 -12.83 0.25 -30.19
C GLU B 138 -13.76 0.33 -28.99
N ARG B 139 -13.76 -0.73 -28.18
CA ARG B 139 -14.65 -0.84 -27.02
C ARG B 139 -14.04 -0.43 -25.68
N ARG B 140 -12.73 -0.14 -25.66
CA ARG B 140 -12.00 0.25 -24.45
C ARG B 140 -12.09 -0.80 -23.34
N VAL B 141 -11.54 -1.96 -23.64
CA VAL B 141 -11.51 -3.10 -22.74
C VAL B 141 -10.09 -3.65 -22.75
N THR B 142 -9.54 -3.88 -21.57
CA THR B 142 -8.26 -4.57 -21.44
C THR B 142 -8.27 -5.44 -20.20
N GLY B 143 -7.25 -6.29 -20.09
CA GLY B 143 -7.20 -7.26 -19.02
C GLY B 143 -5.96 -8.10 -19.11
N PHE B 144 -5.54 -8.63 -17.97
CA PHE B 144 -4.33 -9.44 -17.91
C PHE B 144 -4.42 -10.56 -16.89
N SER B 145 -3.49 -11.51 -17.04
CA SER B 145 -3.35 -12.66 -16.14
C SER B 145 -1.95 -12.67 -15.57
N ILE B 146 -1.82 -13.06 -14.30
CA ILE B 146 -0.52 -13.33 -13.69
C ILE B 146 -0.16 -14.77 -14.05
N ILE B 147 1.04 -14.96 -14.60
CA ILE B 147 1.51 -16.28 -15.05
C ILE B 147 2.83 -16.65 -14.37
N GLY B 148 2.80 -16.99 -13.08
CA GLY B 148 4.05 -17.33 -12.36
C GLY B 148 3.97 -17.94 -10.96
N GLY B 149 3.17 -17.35 -10.07
CA GLY B 149 2.56 -18.07 -8.92
C GLY B 149 3.11 -18.15 -7.49
N GLU B 150 4.28 -17.56 -7.21
CA GLU B 150 4.92 -17.67 -5.88
C GLU B 150 4.05 -17.06 -4.77
N HIS B 151 3.60 -15.82 -5.00
CA HIS B 151 2.71 -15.13 -4.05
C HIS B 151 1.33 -15.79 -3.91
N ARG B 152 0.55 -15.30 -2.94
CA ARG B 152 -0.78 -15.84 -2.61
C ARG B 152 -1.84 -15.71 -3.70
N LEU B 153 -1.76 -14.63 -4.47
CA LEU B 153 -2.69 -14.40 -5.60
C LEU B 153 -2.38 -15.32 -6.79
N THR B 154 -2.84 -16.57 -6.69
CA THR B 154 -2.57 -17.58 -7.73
C THR B 154 -3.69 -17.52 -8.77
N ASN B 155 -3.30 -17.52 -10.03
CA ASN B 155 -4.21 -17.34 -11.18
C ASN B 155 -5.07 -16.07 -11.08
N TYR B 156 -4.45 -14.97 -10.66
CA TYR B 156 -5.09 -13.66 -10.68
C TYR B 156 -5.31 -13.25 -12.13
N LYS B 157 -6.57 -12.96 -12.47
CA LYS B 157 -6.96 -12.49 -13.79
C LYS B 157 -7.96 -11.35 -13.62
N SER B 158 -7.63 -10.18 -14.17
CA SER B 158 -8.51 -9.01 -14.10
C SER B 158 -8.89 -8.48 -15.47
N VAL B 159 -9.93 -7.67 -15.49
CA VAL B 159 -10.35 -6.94 -16.67
C VAL B 159 -10.77 -5.53 -16.28
N THR B 160 -10.44 -4.57 -17.15
CA THR B 160 -10.67 -3.15 -16.91
C THR B 160 -11.41 -2.54 -18.09
N THR B 161 -12.50 -1.81 -17.82
CA THR B 161 -13.27 -1.10 -18.86
C THR B 161 -13.39 0.39 -18.54
N VAL B 162 -13.51 1.20 -19.60
CA VAL B 162 -13.58 2.67 -19.52
C VAL B 162 -14.88 3.14 -20.18
N HIS B 163 -15.61 4.00 -19.47
CA HIS B 163 -16.97 4.39 -19.88
C HIS B 163 -17.16 5.90 -19.84
N ARG B 164 -17.76 6.46 -20.89
CA ARG B 164 -17.97 7.91 -21.01
C ARG B 164 -19.27 8.35 -20.33
N PHE B 165 -19.27 9.57 -19.80
CA PHE B 165 -20.44 10.17 -19.16
C PHE B 165 -20.55 11.66 -19.48
N GLU B 166 -21.76 12.12 -19.81
CA GLU B 166 -22.02 13.48 -20.28
C GLU B 166 -23.41 13.93 -19.83
N LYS B 167 -23.45 14.80 -18.81
CA LYS B 167 -24.67 15.55 -18.45
C LYS B 167 -24.35 17.05 -18.40
N GLU B 168 -25.11 17.84 -19.15
CA GLU B 168 -25.00 19.32 -19.15
C GLU B 168 -23.59 19.82 -19.47
N ASN B 169 -23.03 19.34 -20.58
CA ASN B 169 -21.67 19.71 -21.04
C ASN B 169 -20.51 19.32 -20.08
N ARG B 170 -20.81 18.60 -19.00
CA ARG B 170 -19.80 18.11 -18.06
C ARG B 170 -19.42 16.70 -18.49
N ILE B 171 -18.17 16.53 -18.90
CA ILE B 171 -17.66 15.23 -19.33
C ILE B 171 -16.87 14.60 -18.19
N TRP B 172 -17.15 13.33 -17.91
CA TRP B 172 -16.32 12.55 -16.99
C TRP B 172 -16.29 11.07 -17.37
N THR B 173 -15.41 10.33 -16.70
CA THR B 173 -15.18 8.92 -16.99
C THR B 173 -15.48 8.09 -15.75
N VAL B 174 -15.92 6.85 -15.97
CA VAL B 174 -15.99 5.85 -14.92
C VAL B 174 -15.21 4.63 -15.38
N VAL B 175 -14.29 4.17 -14.53
CA VAL B 175 -13.50 2.97 -14.78
C VAL B 175 -14.01 1.84 -13.89
N LEU B 176 -14.41 0.73 -14.51
CA LEU B 176 -14.72 -0.51 -13.80
C LEU B 176 -13.54 -1.45 -13.90
N GLU B 177 -13.14 -2.03 -12.76
CA GLU B 177 -12.16 -3.11 -12.75
C GLU B 177 -12.65 -4.25 -11.87
N SER B 178 -12.60 -5.46 -12.43
CA SER B 178 -12.91 -6.68 -11.72
C SER B 178 -11.80 -7.71 -11.89
N TYR B 179 -11.73 -8.65 -10.95
CA TYR B 179 -10.76 -9.74 -11.00
C TYR B 179 -11.33 -11.04 -10.45
N VAL B 180 -10.67 -12.15 -10.80
CA VAL B 180 -10.85 -13.46 -10.17
C VAL B 180 -9.49 -13.93 -9.66
N VAL B 181 -9.50 -14.57 -8.50
CA VAL B 181 -8.27 -15.08 -7.86
C VAL B 181 -8.58 -16.36 -7.08
N ASP B 182 -7.58 -17.23 -6.93
CA ASP B 182 -7.74 -18.43 -6.11
C ASP B 182 -7.60 -18.09 -4.61
N MET B 183 -8.49 -18.68 -3.81
CA MET B 183 -8.44 -18.57 -2.34
C MET B 183 -7.40 -19.57 -1.78
N PRO B 184 -6.92 -19.37 -0.53
CA PRO B 184 -5.79 -20.17 -0.03
C PRO B 184 -6.07 -21.66 0.18
N ASP B 191 -8.90 -14.62 3.71
CA ASP B 191 -9.45 -13.57 2.84
C ASP B 191 -8.39 -12.82 2.05
N THR B 192 -8.14 -13.38 0.86
CA THR B 192 -7.29 -12.77 -0.15
C THR B 192 -7.88 -11.45 -0.60
N ARG B 193 -9.21 -11.43 -0.72
CA ARG B 193 -9.96 -10.32 -1.28
C ARG B 193 -9.56 -8.95 -0.73
N MET B 194 -9.36 -8.85 0.58
CA MET B 194 -9.02 -7.56 1.21
C MET B 194 -7.74 -6.94 0.64
N PHE B 195 -6.71 -7.76 0.41
CA PHE B 195 -5.45 -7.24 -0.14
C PHE B 195 -5.59 -6.88 -1.60
N ALA B 196 -6.14 -7.79 -2.40
CA ALA B 196 -6.37 -7.51 -3.82
C ALA B 196 -7.26 -6.28 -4.02
N ASP B 197 -8.37 -6.22 -3.29
CA ASP B 197 -9.25 -5.03 -3.27
C ASP B 197 -8.48 -3.75 -2.94
N THR B 198 -7.60 -3.83 -1.94
CA THR B 198 -6.78 -2.70 -1.52
C THR B 198 -5.82 -2.25 -2.63
N VAL B 199 -5.19 -3.20 -3.32
CA VAL B 199 -4.30 -2.87 -4.43
C VAL B 199 -5.08 -2.21 -5.55
N VAL B 200 -6.19 -2.85 -5.92
CA VAL B 200 -7.07 -2.35 -6.99
C VAL B 200 -7.54 -0.93 -6.71
N LYS B 201 -8.21 -0.73 -5.57
CA LYS B 201 -8.74 0.58 -5.19
C LYS B 201 -7.67 1.67 -5.18
N LEU B 202 -6.49 1.33 -4.65
CA LEU B 202 -5.35 2.26 -4.64
C LEU B 202 -4.86 2.61 -6.04
N ASN B 203 -4.71 1.57 -6.88
CA ASN B 203 -4.34 1.74 -8.29
C ASN B 203 -5.34 2.64 -9.01
N LEU B 204 -6.63 2.39 -8.78
CA LEU B 204 -7.69 3.18 -9.42
C LEU B 204 -7.72 4.61 -8.92
N GLN B 205 -7.41 4.79 -7.64
CA GLN B 205 -7.30 6.12 -7.03
C GLN B 205 -6.17 6.92 -7.68
N LYS B 206 -5.02 6.28 -7.90
CA LYS B 206 -3.89 6.95 -8.55
C LYS B 206 -4.16 7.19 -10.03
N LEU B 207 -4.92 6.29 -10.66
CA LEU B 207 -5.38 6.47 -12.03
C LEU B 207 -6.15 7.80 -12.14
N ALA B 208 -7.09 8.00 -11.21
CA ALA B 208 -7.87 9.24 -11.14
C ALA B 208 -6.97 10.47 -11.04
N THR B 209 -6.10 10.48 -10.04
CA THR B 209 -5.16 11.58 -9.80
C THR B 209 -4.30 11.90 -11.03
N VAL B 210 -3.71 10.87 -11.62
CA VAL B 210 -2.83 11.02 -12.80
C VAL B 210 -3.60 11.56 -14.01
N ALA B 211 -4.73 10.95 -14.31
CA ALA B 211 -5.57 11.38 -15.43
C ALA B 211 -6.15 12.78 -15.22
N GLU B 212 -6.62 13.06 -14.02
CA GLU B 212 -7.13 14.40 -13.68
C GLU B 212 -6.05 15.48 -13.74
N ALA B 213 -4.82 15.13 -13.40
CA ALA B 213 -3.67 16.02 -13.59
C ALA B 213 -3.36 16.25 -15.07
N MET B 214 -3.37 15.16 -15.86
CA MET B 214 -3.15 15.26 -17.32
C MET B 214 -4.26 16.03 -18.02
N ALA B 215 -5.49 15.95 -17.50
CA ALA B 215 -6.63 16.74 -18.01
C ALA B 215 -6.40 18.24 -17.88
N ARG B 216 -5.64 18.65 -16.86
CA ARG B 216 -5.20 20.04 -16.63
C ARG B 216 -6.34 21.07 -16.64
#